data_9ARX
#
_entry.id   9ARX
#
_cell.length_a   1.00
_cell.length_b   1.00
_cell.length_c   1.00
_cell.angle_alpha   90.00
_cell.angle_beta   90.00
_cell.angle_gamma   90.00
#
_symmetry.space_group_name_H-M   'P 1'
#
loop_
_entity.id
_entity.type
_entity.pdbx_description
1 polymer '5-hydroxytryptamine receptor 2A'
2 non-polymer SEROTONIN
#
_entity_poly.entity_id   1
_entity_poly.type   'polypeptide(L)'
_entity_poly.pdbx_seq_one_letter_code
;MDILCEENTSLSSTTNSLMQLNDDTRLYSNDFNSGEANTSDAFNWTVDSENRTNLSCEGCLSPSCLSLLHLQEKNWSALL
TAVVIILTIAGNILVIMAVSLEKKLQNATNYFLMSLAIADMLLGFLVMPVSMLTILYGYRWPLPSKLCAVWIYLDVLFST
ASIMHLCAISLDRYVAIQNPIHHSRFNSRTKAFLKIIAVWTISVGISMPIPVFGLQDDSKVFKEGSCLLADDNFVLIGSF
VSFFIPLTIMVITYFLTIKSLQKEATLCVSDLGTRAKLASFSFLPQSSLSSEKLFQRSIHREPGSYTGRRTMQSISNEQK
ACKVLGIVFFLFVVMWCPFFITNIMAVICKESCNEDVIGALLNVFVWIGYLSSAVNPLVYTLFNKTYRSAFSRYIQCQYK
ENKKPLQLILVNTIPALAYKSSQLQMGQKKNSKQDAKTTDNDCSMVALGKQHSEEASKDNSDGVNEKVSCV
;
_entity_poly.pdbx_strand_id   A
#
# COMPACT_ATOMS: atom_id res chain seq x y z
N LEU A 79 -21.32 4.98 11.29
CA LEU A 79 -20.91 4.45 10.00
C LEU A 79 -19.60 3.67 10.15
N LEU A 80 -19.43 2.64 9.32
CA LEU A 80 -18.24 1.79 9.42
C LEU A 80 -16.99 2.51 8.94
N THR A 81 -17.15 3.47 8.01
CA THR A 81 -15.99 4.21 7.52
C THR A 81 -15.52 5.26 8.51
N ALA A 82 -16.34 5.59 9.51
CA ALA A 82 -15.95 6.58 10.50
C ALA A 82 -14.88 6.06 11.44
N VAL A 83 -14.82 4.74 11.64
CA VAL A 83 -13.82 4.19 12.56
C VAL A 83 -12.50 3.98 11.85
N VAL A 84 -12.52 3.81 10.52
CA VAL A 84 -11.32 3.44 9.78
C VAL A 84 -10.36 4.62 9.70
N ILE A 85 -10.87 5.83 9.50
CA ILE A 85 -10.02 7.03 9.46
C ILE A 85 -9.34 7.27 10.81
N ILE A 86 -10.08 7.10 11.90
CA ILE A 86 -9.53 7.30 13.23
C ILE A 86 -8.51 6.22 13.57
N LEU A 87 -8.80 4.97 13.18
CA LEU A 87 -7.88 3.87 13.41
C LEU A 87 -6.58 4.04 12.64
N THR A 88 -6.66 4.48 11.37
CA THR A 88 -5.46 4.70 10.57
C THR A 88 -4.62 5.85 11.12
N ILE A 89 -5.27 6.97 11.44
CA ILE A 89 -4.56 8.15 11.92
C ILE A 89 -3.96 7.91 13.29
N ALA A 90 -4.62 7.10 14.12
CA ALA A 90 -4.06 6.76 15.42
C ALA A 90 -2.89 5.78 15.29
N GLY A 91 -3.07 4.73 14.49
CA GLY A 91 -2.07 3.68 14.41
C GLY A 91 -0.77 4.14 13.78
N ASN A 92 -0.87 4.99 12.74
CA ASN A 92 0.37 5.40 12.07
C ASN A 92 1.15 6.40 12.92
N ILE A 93 0.42 7.26 13.65
CA ILE A 93 1.05 8.17 14.59
C ILE A 93 1.73 7.39 15.72
N LEU A 94 1.09 6.30 16.18
CA LEU A 94 1.69 5.46 17.20
C LEU A 94 2.96 4.78 16.70
N VAL A 95 2.96 4.29 15.46
CA VAL A 95 4.15 3.63 14.91
C VAL A 95 5.30 4.63 14.72
N ILE A 96 5.00 5.82 14.21
CA ILE A 96 6.06 6.82 14.01
C ILE A 96 6.58 7.33 15.35
N MET A 97 5.70 7.50 16.34
CA MET A 97 6.14 7.91 17.67
C MET A 97 6.94 6.83 18.36
N ALA A 98 6.62 5.56 18.11
CA ALA A 98 7.38 4.45 18.70
C ALA A 98 8.76 4.31 18.04
N VAL A 99 8.84 4.61 16.74
CA VAL A 99 10.14 4.60 16.08
C VAL A 99 11.00 5.76 16.57
N SER A 100 10.40 6.94 16.73
CA SER A 100 11.16 8.11 17.16
C SER A 100 11.57 8.03 18.62
N LEU A 101 10.73 7.44 19.46
CA LEU A 101 11.00 7.43 20.90
C LEU A 101 11.90 6.29 21.34
N GLU A 102 11.69 5.08 20.83
CA GLU A 102 12.47 3.92 21.25
C GLU A 102 13.80 3.95 20.51
N LYS A 103 14.90 3.99 21.25
CA LYS A 103 16.22 4.04 20.63
C LYS A 103 16.65 2.69 20.07
N LYS A 104 16.04 1.60 20.54
CA LYS A 104 16.40 0.28 20.05
C LYS A 104 15.86 -0.01 18.66
N LEU A 105 14.88 0.78 18.20
CA LEU A 105 14.25 0.59 16.90
C LEU A 105 14.84 1.48 15.81
N GLN A 106 16.11 1.85 15.91
CA GLN A 106 16.76 2.67 14.89
C GLN A 106 17.57 1.75 13.98
N ASN A 107 17.04 1.47 12.80
CA ASN A 107 17.72 0.59 11.84
C ASN A 107 17.22 0.94 10.45
N ALA A 108 17.71 0.18 9.47
CA ALA A 108 17.30 0.39 8.09
C ALA A 108 15.87 -0.09 7.86
N THR A 109 15.54 -1.27 8.39
CA THR A 109 14.22 -1.86 8.20
C THR A 109 13.14 -1.03 8.87
N ASN A 110 13.44 -0.49 10.05
CA ASN A 110 12.47 0.33 10.75
C ASN A 110 12.32 1.70 10.10
N TYR A 111 13.38 2.20 9.43
CA TYR A 111 13.25 3.42 8.64
C TYR A 111 12.34 3.21 7.44
N PHE A 112 12.48 2.05 6.77
CA PHE A 112 11.59 1.71 5.67
C PHE A 112 10.15 1.54 6.15
N LEU A 113 9.98 0.95 7.34
CA LEU A 113 8.64 0.81 7.91
C LEU A 113 8.05 2.15 8.32
N MET A 114 8.88 3.09 8.78
CA MET A 114 8.42 4.44 9.05
C MET A 114 8.00 5.16 7.78
N SER A 115 8.71 4.91 6.67
CA SER A 115 8.29 5.46 5.37
C SER A 115 6.96 4.87 4.93
N LEU A 116 6.74 3.58 5.18
CA LEU A 116 5.47 2.93 4.90
C LEU A 116 4.34 3.57 5.71
N ALA A 117 4.59 3.81 7.00
CA ALA A 117 3.61 4.44 7.86
C ALA A 117 3.34 5.88 7.45
N ILE A 118 4.35 6.58 6.96
CA ILE A 118 4.17 7.94 6.43
C ILE A 118 3.26 7.92 5.21
N ALA A 119 3.46 6.94 4.31
CA ALA A 119 2.63 6.82 3.11
C ALA A 119 1.18 6.53 3.45
N ASP A 120 0.95 5.57 4.37
CA ASP A 120 -0.44 5.28 4.73
C ASP A 120 -1.06 6.38 5.59
N MET A 121 -0.27 7.14 6.33
CA MET A 121 -0.85 8.23 7.12
C MET A 121 -1.25 9.39 6.23
N LEU A 122 -0.44 9.66 5.20
CA LEU A 122 -0.81 10.64 4.19
C LEU A 122 -2.06 10.19 3.43
N LEU A 123 -2.16 8.88 3.15
CA LEU A 123 -3.39 8.34 2.54
C LEU A 123 -4.61 8.55 3.43
N GLY A 124 -4.53 8.15 4.70
CA GLY A 124 -5.65 8.24 5.61
C GLY A 124 -6.00 9.65 6.02
N PHE A 125 -5.09 10.60 5.85
CA PHE A 125 -5.36 11.99 6.13
C PHE A 125 -5.88 12.74 4.91
N LEU A 126 -5.46 12.35 3.71
CA LEU A 126 -5.76 13.17 2.54
C LEU A 126 -6.90 12.61 1.70
N VAL A 127 -6.95 11.30 1.48
CA VAL A 127 -7.91 10.77 0.49
C VAL A 127 -9.06 10.06 1.18
N MET A 128 -8.91 9.71 2.46
CA MET A 128 -9.90 8.83 3.09
C MET A 128 -11.14 9.60 3.60
N PRO A 129 -11.03 10.76 4.27
CA PRO A 129 -12.26 11.52 4.53
C PRO A 129 -12.90 12.11 3.28
N VAL A 130 -12.14 12.32 2.21
CA VAL A 130 -12.72 12.71 0.93
C VAL A 130 -13.60 11.59 0.38
N SER A 131 -13.14 10.34 0.49
CA SER A 131 -13.94 9.21 0.06
C SER A 131 -15.16 9.02 0.96
N MET A 132 -15.02 9.30 2.26
CA MET A 132 -16.17 9.28 3.15
C MET A 132 -17.19 10.35 2.78
N LEU A 133 -16.71 11.54 2.38
CA LEU A 133 -17.58 12.62 1.93
C LEU A 133 -18.29 12.24 0.64
N THR A 134 -17.60 11.54 -0.26
CA THR A 134 -18.22 11.03 -1.48
C THR A 134 -19.30 10.00 -1.15
N ILE A 135 -19.04 9.16 -0.14
CA ILE A 135 -20.04 8.18 0.33
C ILE A 135 -21.27 8.88 0.90
N LEU A 136 -21.07 9.91 1.72
CA LEU A 136 -22.16 10.55 2.42
C LEU A 136 -23.05 11.39 1.49
N TYR A 137 -22.57 11.73 0.30
CA TYR A 137 -23.35 12.46 -0.69
C TYR A 137 -23.91 11.55 -1.78
N GLY A 138 -23.72 10.24 -1.65
CA GLY A 138 -24.19 9.31 -2.68
C GLY A 138 -23.49 9.42 -4.01
N TYR A 139 -22.15 9.54 -3.99
CA TYR A 139 -21.23 9.59 -5.13
C TYR A 139 -21.41 10.80 -6.04
N ARG A 140 -22.23 11.78 -5.66
CA ARG A 140 -22.28 13.07 -6.34
C ARG A 140 -21.28 13.98 -5.64
N TRP A 141 -20.26 14.43 -6.35
CA TRP A 141 -19.07 14.97 -5.71
C TRP A 141 -19.32 16.40 -5.23
N PRO A 142 -19.16 16.71 -3.95
CA PRO A 142 -19.42 18.07 -3.46
C PRO A 142 -18.29 19.04 -3.77
N LEU A 143 -17.06 18.54 -3.73
CA LEU A 143 -15.87 19.35 -4.00
C LEU A 143 -15.86 19.76 -5.47
N PRO A 144 -15.31 20.93 -5.80
CA PRO A 144 -15.42 21.39 -7.19
C PRO A 144 -14.47 20.70 -8.16
N SER A 145 -14.71 20.94 -9.46
CA SER A 145 -14.19 20.05 -10.49
C SER A 145 -12.69 20.23 -10.71
N LYS A 146 -12.10 21.29 -10.17
CA LYS A 146 -10.66 21.49 -10.31
C LYS A 146 -9.85 20.52 -9.46
N LEU A 147 -10.47 19.92 -8.44
CA LEU A 147 -9.70 19.08 -7.51
C LEU A 147 -9.85 17.60 -7.77
N CYS A 148 -10.41 17.18 -8.92
CA CYS A 148 -10.60 15.76 -9.14
C CYS A 148 -9.31 15.08 -9.55
N ALA A 149 -8.51 15.74 -10.39
CA ALA A 149 -7.31 15.10 -10.92
C ALA A 149 -6.21 14.97 -9.87
N VAL A 150 -6.29 15.74 -8.80
CA VAL A 150 -5.29 15.60 -7.73
C VAL A 150 -5.72 14.57 -6.71
N TRP A 151 -7.03 14.29 -6.60
CA TRP A 151 -7.48 13.27 -5.67
C TRP A 151 -7.14 11.88 -6.19
N ILE A 152 -7.31 11.65 -7.50
CA ILE A 152 -6.86 10.42 -8.11
C ILE A 152 -5.34 10.32 -8.06
N TYR A 153 -4.66 11.46 -8.20
CA TYR A 153 -3.19 11.50 -8.09
C TYR A 153 -2.73 11.06 -6.71
N LEU A 154 -3.34 11.61 -5.65
CA LEU A 154 -2.96 11.25 -4.29
C LEU A 154 -3.30 9.81 -3.98
N ASP A 155 -4.46 9.34 -4.47
CA ASP A 155 -4.89 7.96 -4.24
C ASP A 155 -3.94 6.96 -4.90
N VAL A 156 -3.66 7.16 -6.19
CA VAL A 156 -2.79 6.25 -6.92
C VAL A 156 -1.35 6.35 -6.41
N LEU A 157 -0.90 7.55 -6.05
CA LEU A 157 0.45 7.75 -5.56
C LEU A 157 0.68 7.05 -4.22
N PHE A 158 -0.23 7.25 -3.26
CA PHE A 158 -0.05 6.64 -1.95
C PHE A 158 -0.31 5.14 -1.98
N SER A 159 -1.26 4.67 -2.80
CA SER A 159 -1.51 3.24 -2.89
C SER A 159 -0.37 2.51 -3.59
N THR A 160 0.18 3.09 -4.67
CA THR A 160 1.33 2.50 -5.32
C THR A 160 2.57 2.55 -4.43
N ALA A 161 2.68 3.60 -3.61
CA ALA A 161 3.76 3.69 -2.63
C ALA A 161 3.67 2.57 -1.60
N SER A 162 2.45 2.31 -1.10
CA SER A 162 2.26 1.22 -0.14
C SER A 162 2.54 -0.14 -0.76
N ILE A 163 2.07 -0.37 -1.99
CA ILE A 163 2.24 -1.67 -2.64
C ILE A 163 3.72 -1.92 -2.96
N MET A 164 4.42 -0.91 -3.47
CA MET A 164 5.85 -1.06 -3.75
C MET A 164 6.67 -1.15 -2.47
N HIS A 165 6.19 -0.53 -1.38
CA HIS A 165 6.82 -0.73 -0.07
C HIS A 165 6.75 -2.19 0.36
N LEU A 166 5.58 -2.81 0.21
CA LEU A 166 5.44 -4.22 0.60
C LEU A 166 6.23 -5.14 -0.32
N CYS A 167 6.30 -4.80 -1.62
CA CYS A 167 7.09 -5.57 -2.57
C CYS A 167 8.58 -5.51 -2.25
N ALA A 168 9.09 -4.31 -1.92
CA ALA A 168 10.49 -4.16 -1.58
C ALA A 168 10.81 -4.83 -0.24
N ILE A 169 9.86 -4.80 0.70
CA ILE A 169 10.06 -5.49 1.97
C ILE A 169 10.14 -7.00 1.77
N SER A 170 9.28 -7.54 0.90
CA SER A 170 9.33 -8.97 0.59
C SER A 170 10.63 -9.37 -0.11
N LEU A 171 11.10 -8.54 -1.05
CA LEU A 171 12.37 -8.83 -1.72
C LEU A 171 13.55 -8.75 -0.75
N ASP A 172 13.55 -7.76 0.14
CA ASP A 172 14.63 -7.62 1.10
C ASP A 172 14.61 -8.77 2.12
N ARG A 173 13.41 -9.24 2.49
CA ARG A 173 13.32 -10.40 3.37
C ARG A 173 13.82 -11.66 2.68
N TYR A 174 13.54 -11.82 1.38
CA TYR A 174 14.07 -12.97 0.65
C TYR A 174 15.59 -12.94 0.57
N VAL A 175 16.17 -11.76 0.33
CA VAL A 175 17.63 -11.66 0.27
C VAL A 175 18.24 -11.87 1.64
N ALA A 176 17.62 -11.33 2.69
CA ALA A 176 18.13 -11.48 4.06
C ALA A 176 17.84 -12.82 4.66
N ILE A 177 17.05 -13.68 4.02
CA ILE A 177 16.78 -15.00 4.58
C ILE A 177 17.52 -16.07 3.78
N GLN A 178 17.61 -15.88 2.45
CA GLN A 178 18.29 -16.86 1.60
C GLN A 178 19.80 -16.92 1.87
N ASN A 179 20.47 -15.77 1.86
CA ASN A 179 21.92 -15.70 2.14
C ASN A 179 22.19 -14.61 3.16
N PRO A 180 22.14 -14.94 4.46
CA PRO A 180 22.22 -13.90 5.48
C PRO A 180 23.60 -13.27 5.64
N ILE A 181 24.66 -13.95 5.21
CA ILE A 181 26.00 -13.37 5.32
C ILE A 181 26.18 -12.24 4.32
N HIS A 182 25.84 -12.50 3.05
CA HIS A 182 26.06 -11.51 2.01
C HIS A 182 25.07 -10.36 2.06
N HIS A 183 23.93 -10.55 2.72
CA HIS A 183 23.01 -9.43 2.95
C HIS A 183 23.57 -8.50 4.01
N SER A 184 24.08 -9.05 5.11
CA SER A 184 24.60 -8.22 6.19
C SER A 184 25.95 -7.61 5.83
N ARG A 185 26.63 -8.18 4.83
CA ARG A 185 27.86 -7.57 4.32
C ARG A 185 27.58 -6.26 3.61
N PHE A 186 26.46 -6.17 2.89
CA PHE A 186 26.09 -4.98 2.15
C PHE A 186 25.03 -4.13 2.83
N ASN A 187 24.67 -4.41 4.08
CA ASN A 187 23.52 -3.78 4.72
C ASN A 187 23.85 -2.44 5.35
N SER A 188 24.11 -1.41 4.54
CA SER A 188 24.32 -0.08 5.08
C SER A 188 22.98 0.65 5.22
N ARG A 189 23.06 1.92 5.64
CA ARG A 189 21.89 2.79 5.58
C ARG A 189 21.64 3.29 4.16
N THR A 190 22.64 3.17 3.28
CA THR A 190 22.43 3.45 1.87
C THR A 190 21.44 2.49 1.25
N LYS A 191 21.36 1.26 1.77
CA LYS A 191 20.33 0.30 1.37
C LYS A 191 18.93 0.86 1.61
N ALA A 192 18.68 1.37 2.82
CA ALA A 192 17.37 1.91 3.16
C ALA A 192 17.07 3.17 2.37
N PHE A 193 18.06 4.05 2.20
CA PHE A 193 17.81 5.29 1.49
C PHE A 193 17.60 5.05 0.00
N LEU A 194 18.33 4.10 -0.60
CA LEU A 194 18.11 3.76 -1.99
C LEU A 194 16.80 3.04 -2.19
N LYS A 195 16.37 2.22 -1.21
CA LYS A 195 15.08 1.54 -1.31
C LYS A 195 13.93 2.53 -1.24
N ILE A 196 14.01 3.51 -0.32
CA ILE A 196 13.00 4.54 -0.21
C ILE A 196 12.95 5.41 -1.47
N ILE A 197 14.13 5.76 -1.99
CA ILE A 197 14.24 6.55 -3.22
C ILE A 197 13.63 5.80 -4.40
N ALA A 198 13.91 4.49 -4.49
CA ALA A 198 13.40 3.68 -5.59
C ALA A 198 11.88 3.53 -5.54
N VAL A 199 11.33 3.24 -4.35
CA VAL A 199 9.89 3.04 -4.28
C VAL A 199 9.12 4.35 -4.45
N TRP A 200 9.66 5.48 -3.96
CA TRP A 200 8.94 6.74 -4.17
C TRP A 200 9.12 7.28 -5.58
N THR A 201 10.27 7.03 -6.21
CA THR A 201 10.46 7.39 -7.61
C THR A 201 9.53 6.59 -8.50
N ILE A 202 9.38 5.29 -8.22
CA ILE A 202 8.46 4.44 -8.98
C ILE A 202 7.01 4.89 -8.77
N SER A 203 6.66 5.22 -7.52
CA SER A 203 5.29 5.65 -7.23
C SER A 203 4.97 7.00 -7.87
N VAL A 204 5.95 7.89 -7.99
CA VAL A 204 5.75 9.13 -8.72
C VAL A 204 5.64 8.87 -10.22
N GLY A 205 6.52 8.03 -10.76
CA GLY A 205 6.59 7.87 -12.21
C GLY A 205 5.43 7.10 -12.80
N ILE A 206 4.89 6.13 -12.05
CA ILE A 206 3.71 5.39 -12.52
C ILE A 206 2.49 6.31 -12.51
N SER A 207 2.36 7.15 -11.50
CA SER A 207 1.23 8.05 -11.37
C SER A 207 1.36 9.31 -12.22
N MET A 208 2.42 9.43 -13.03
CA MET A 208 2.69 10.66 -13.78
C MET A 208 1.59 11.11 -14.77
N PRO A 209 0.91 10.25 -15.53
CA PRO A 209 -0.12 10.82 -16.44
C PRO A 209 -1.41 11.25 -15.77
N ILE A 210 -1.52 11.13 -14.44
CA ILE A 210 -2.77 11.53 -13.78
C ILE A 210 -2.98 13.04 -13.73
N PRO A 211 -2.05 13.89 -13.15
CA PRO A 211 -2.43 15.30 -12.98
C PRO A 211 -2.26 16.17 -14.22
N VAL A 212 -1.33 15.82 -15.11
CA VAL A 212 -1.10 16.65 -16.30
C VAL A 212 -2.24 16.49 -17.30
N PHE A 213 -2.84 15.30 -17.38
CA PHE A 213 -3.88 15.01 -18.35
C PHE A 213 -5.27 15.01 -17.74
N GLY A 214 -5.42 15.54 -16.53
CA GLY A 214 -6.72 15.53 -15.89
C GLY A 214 -7.23 16.90 -15.47
N LEU A 215 -6.31 17.85 -15.25
CA LEU A 215 -6.72 19.17 -14.75
C LEU A 215 -7.40 19.98 -15.84
N GLN A 216 -6.86 19.98 -17.05
CA GLN A 216 -7.52 20.65 -18.17
C GLN A 216 -8.48 19.73 -18.91
N ASP A 217 -8.20 18.43 -18.94
CA ASP A 217 -9.05 17.45 -19.61
C ASP A 217 -9.93 16.72 -18.61
N ASP A 218 -11.11 17.26 -18.31
CA ASP A 218 -11.96 16.67 -17.28
C ASP A 218 -12.68 15.42 -17.78
N SER A 219 -12.70 15.19 -19.09
CA SER A 219 -13.43 14.05 -19.64
C SER A 219 -12.75 12.72 -19.35
N LYS A 220 -11.43 12.72 -19.12
CA LYS A 220 -10.72 11.48 -18.85
C LYS A 220 -10.72 11.10 -17.36
N VAL A 221 -11.18 11.99 -16.48
CA VAL A 221 -11.16 11.72 -15.05
C VAL A 221 -12.54 11.99 -14.44
N PHE A 222 -13.58 11.90 -15.26
CA PHE A 222 -14.96 11.98 -14.79
C PHE A 222 -15.80 10.91 -15.49
N LYS A 223 -16.78 10.38 -14.77
CA LYS A 223 -17.72 9.43 -15.33
C LYS A 223 -19.08 9.67 -14.71
N GLU A 224 -19.99 10.24 -15.51
CA GLU A 224 -21.36 10.60 -15.11
C GLU A 224 -21.38 11.52 -13.89
N GLY A 225 -20.48 12.50 -13.87
CA GLY A 225 -20.44 13.47 -12.79
C GLY A 225 -19.82 12.99 -11.50
N SER A 226 -18.99 11.96 -11.56
CA SER A 226 -18.28 11.45 -10.38
C SER A 226 -16.81 11.25 -10.72
N CYS A 227 -15.96 11.37 -9.71
CA CYS A 227 -14.53 11.17 -9.92
C CYS A 227 -14.23 9.68 -10.10
N LEU A 228 -13.85 9.31 -11.31
CA LEU A 228 -13.44 7.95 -11.61
C LEU A 228 -12.47 8.00 -12.77
N LEU A 229 -11.62 6.98 -12.86
CA LEU A 229 -10.70 6.87 -13.99
C LEU A 229 -11.42 6.33 -15.21
N ALA A 230 -11.98 7.24 -16.02
CA ALA A 230 -12.67 6.81 -17.24
C ALA A 230 -11.69 6.35 -18.31
N ASP A 231 -10.44 6.81 -18.27
CA ASP A 231 -9.43 6.41 -19.25
C ASP A 231 -8.97 5.00 -18.91
N ASP A 232 -9.61 4.02 -19.55
CA ASP A 232 -9.32 2.62 -19.26
C ASP A 232 -7.97 2.20 -19.81
N ASN A 233 -7.45 2.91 -20.81
CA ASN A 233 -6.11 2.64 -21.31
C ASN A 233 -5.05 2.98 -20.27
N PHE A 234 -5.32 3.96 -19.41
CA PHE A 234 -4.50 4.15 -18.23
C PHE A 234 -4.73 3.04 -17.21
N VAL A 235 -5.98 2.61 -17.06
CA VAL A 235 -6.36 1.71 -15.96
C VAL A 235 -5.71 0.35 -16.11
N LEU A 236 -5.78 -0.23 -17.31
CA LEU A 236 -5.26 -1.59 -17.54
C LEU A 236 -3.74 -1.65 -17.38
N ILE A 237 -3.02 -0.72 -18.05
CA ILE A 237 -1.58 -0.70 -17.97
C ILE A 237 -1.10 -0.30 -16.57
N GLY A 238 -1.81 0.62 -15.91
CA GLY A 238 -1.41 1.04 -14.57
C GLY A 238 -1.62 -0.05 -13.54
N SER A 239 -2.71 -0.82 -13.66
CA SER A 239 -2.87 -1.99 -12.79
C SER A 239 -1.80 -3.03 -13.08
N PHE A 240 -1.41 -3.18 -14.36
CA PHE A 240 -0.39 -4.14 -14.73
C PHE A 240 0.98 -3.78 -14.14
N VAL A 241 1.33 -2.50 -14.09
CA VAL A 241 2.63 -2.15 -13.54
C VAL A 241 2.55 -1.91 -12.04
N SER A 242 1.36 -1.67 -11.48
CA SER A 242 1.26 -1.24 -10.10
C SER A 242 0.92 -2.38 -9.16
N PHE A 243 0.14 -3.36 -9.61
CA PHE A 243 -0.23 -4.42 -8.69
C PHE A 243 0.19 -5.80 -9.20
N PHE A 244 -0.04 -6.08 -10.48
CA PHE A 244 0.06 -7.46 -10.96
C PHE A 244 1.51 -7.90 -11.16
N ILE A 245 2.39 -6.99 -11.57
CA ILE A 245 3.82 -7.31 -11.60
C ILE A 245 4.41 -7.31 -10.18
N PRO A 246 4.02 -6.41 -9.25
CA PRO A 246 4.34 -6.68 -7.84
C PRO A 246 3.74 -7.96 -7.29
N LEU A 247 2.54 -8.36 -7.71
CA LEU A 247 1.98 -9.62 -7.24
C LEU A 247 2.79 -10.81 -7.74
N THR A 248 3.20 -10.79 -9.00
CA THR A 248 4.01 -11.88 -9.52
C THR A 248 5.46 -11.83 -9.03
N ILE A 249 5.90 -10.70 -8.47
CA ILE A 249 7.19 -10.69 -7.78
C ILE A 249 7.05 -11.26 -6.38
N MET A 250 6.03 -10.82 -5.62
CA MET A 250 5.91 -11.23 -4.23
C MET A 250 5.46 -12.68 -4.09
N VAL A 251 4.73 -13.22 -5.06
CA VAL A 251 4.39 -14.66 -5.02
C VAL A 251 5.67 -15.50 -5.15
N ILE A 252 6.55 -15.12 -6.09
CA ILE A 252 7.80 -15.84 -6.29
C ILE A 252 8.72 -15.69 -5.09
N THR A 253 8.83 -14.48 -4.53
CA THR A 253 9.72 -14.29 -3.38
C THR A 253 9.17 -14.95 -2.12
N TYR A 254 7.83 -14.97 -1.95
CA TYR A 254 7.25 -15.68 -0.82
C TYR A 254 7.44 -17.18 -0.96
N PHE A 255 7.28 -17.71 -2.17
CA PHE A 255 7.48 -19.15 -2.41
C PHE A 255 8.93 -19.54 -2.16
N LEU A 256 9.88 -18.73 -2.64
CA LEU A 256 11.29 -19.06 -2.44
C LEU A 256 11.75 -18.78 -1.01
N THR A 257 11.07 -17.89 -0.28
CA THR A 257 11.42 -17.67 1.12
C THR A 257 10.90 -18.82 1.99
N ILE A 258 9.71 -19.34 1.66
CA ILE A 258 9.23 -20.55 2.33
C ILE A 258 10.11 -21.74 1.96
N LYS A 259 10.57 -21.81 0.71
CA LYS A 259 11.51 -22.84 0.30
C LYS A 259 12.87 -22.70 0.97
N SER A 260 13.27 -21.49 1.35
CA SER A 260 14.53 -21.27 2.02
C SER A 260 14.43 -21.40 3.53
N LEU A 261 13.22 -21.43 4.09
CA LEU A 261 13.00 -21.70 5.50
C LEU A 261 12.59 -23.14 5.76
N GLN A 262 13.12 -24.08 4.99
CA GLN A 262 12.81 -25.49 5.17
C GLN A 262 14.08 -26.33 5.24
N GLN A 313 18.13 -24.77 17.78
CA GLN A 313 16.74 -24.47 18.08
C GLN A 313 16.19 -23.38 17.16
N SER A 314 16.87 -23.19 16.03
CA SER A 314 16.40 -22.21 15.05
C SER A 314 15.15 -22.68 14.32
N ILE A 315 14.89 -24.00 14.35
CA ILE A 315 13.71 -24.58 13.71
C ILE A 315 12.42 -24.13 14.39
N SER A 316 12.47 -23.74 15.66
CA SER A 316 11.29 -23.20 16.31
C SER A 316 11.01 -21.76 15.87
N ASN A 317 12.07 -20.97 15.68
CA ASN A 317 11.88 -19.58 15.27
C ASN A 317 11.50 -19.47 13.80
N GLU A 318 11.95 -20.44 12.99
CA GLU A 318 11.59 -20.44 11.57
C GLU A 318 10.10 -20.69 11.36
N GLN A 319 9.46 -21.44 12.26
CA GLN A 319 8.01 -21.64 12.16
C GLN A 319 7.25 -20.35 12.46
N LYS A 320 7.70 -19.58 13.44
CA LYS A 320 7.07 -18.29 13.71
C LYS A 320 7.29 -17.31 12.58
N ALA A 321 8.48 -17.33 11.97
CA ALA A 321 8.76 -16.50 10.80
C ALA A 321 7.88 -16.90 9.62
N CYS A 322 7.68 -18.20 9.42
CA CYS A 322 6.82 -18.69 8.35
C CYS A 322 5.36 -18.30 8.58
N LYS A 323 4.90 -18.38 9.83
CA LYS A 323 3.52 -17.99 10.14
C LYS A 323 3.29 -16.50 9.93
N VAL A 324 4.26 -15.67 10.33
CA VAL A 324 4.14 -14.23 10.14
C VAL A 324 4.18 -13.88 8.64
N LEU A 325 5.07 -14.54 7.88
CA LEU A 325 5.14 -14.30 6.44
C LEU A 325 3.86 -14.72 5.73
N GLY A 326 3.27 -15.85 6.13
CA GLY A 326 2.02 -16.31 5.57
C GLY A 326 0.85 -15.40 5.86
N ILE A 327 0.75 -14.94 7.12
CA ILE A 327 -0.33 -14.03 7.52
C ILE A 327 -0.21 -12.71 6.76
N VAL A 328 1.01 -12.17 6.65
CA VAL A 328 1.22 -10.90 5.97
C VAL A 328 0.94 -11.00 4.47
N PHE A 329 1.42 -12.06 3.82
CA PHE A 329 1.23 -12.21 2.38
C PHE A 329 -0.23 -12.44 2.03
N PHE A 330 -0.90 -13.36 2.75
CA PHE A 330 -2.30 -13.64 2.42
C PHE A 330 -3.22 -12.52 2.82
N LEU A 331 -2.87 -11.76 3.87
CA LEU A 331 -3.63 -10.57 4.21
C LEU A 331 -3.47 -9.48 3.16
N PHE A 332 -2.28 -9.30 2.58
CA PHE A 332 -2.08 -8.37 1.49
C PHE A 332 -2.90 -8.78 0.27
N VAL A 333 -2.89 -10.07 -0.06
CA VAL A 333 -3.63 -10.57 -1.22
C VAL A 333 -5.13 -10.39 -1.04
N VAL A 334 -5.63 -10.71 0.16
CA VAL A 334 -7.05 -10.55 0.45
C VAL A 334 -7.46 -9.08 0.50
N MET A 335 -6.60 -8.19 1.00
CA MET A 335 -6.99 -6.79 1.12
C MET A 335 -6.96 -6.06 -0.24
N TRP A 336 -5.93 -6.33 -1.06
CA TRP A 336 -5.81 -5.55 -2.30
C TRP A 336 -6.35 -6.25 -3.53
N CYS A 337 -6.33 -7.58 -3.56
CA CYS A 337 -6.60 -8.31 -4.80
C CYS A 337 -8.04 -8.28 -5.33
N PRO A 338 -9.12 -8.24 -4.51
CA PRO A 338 -10.45 -8.07 -5.13
C PRO A 338 -10.63 -6.78 -5.92
N PHE A 339 -10.08 -5.66 -5.44
CA PHE A 339 -10.29 -4.38 -6.10
C PHE A 339 -9.63 -4.34 -7.46
N PHE A 340 -8.39 -4.84 -7.56
CA PHE A 340 -7.70 -4.79 -8.85
C PHE A 340 -8.25 -5.79 -9.84
N ILE A 341 -8.72 -6.96 -9.36
CA ILE A 341 -9.33 -7.95 -10.24
C ILE A 341 -10.63 -7.42 -10.83
N THR A 342 -11.49 -6.83 -9.99
CA THR A 342 -12.72 -6.27 -10.52
C THR A 342 -12.48 -4.98 -11.30
N ASN A 343 -11.36 -4.29 -11.04
CA ASN A 343 -11.02 -3.09 -11.78
C ASN A 343 -10.58 -3.42 -13.20
N ILE A 344 -9.78 -4.48 -13.36
CA ILE A 344 -9.40 -4.93 -14.69
C ILE A 344 -10.60 -5.55 -15.41
N MET A 345 -11.44 -6.30 -14.68
CA MET A 345 -12.61 -6.92 -15.29
C MET A 345 -13.66 -5.89 -15.69
N ALA A 346 -13.61 -4.69 -15.09
CA ALA A 346 -14.46 -3.60 -15.56
C ALA A 346 -14.07 -3.15 -16.96
N VAL A 347 -12.77 -3.06 -17.24
CA VAL A 347 -12.33 -2.61 -18.55
C VAL A 347 -12.39 -3.75 -19.57
N ILE A 348 -12.26 -4.99 -19.11
CA ILE A 348 -12.38 -6.12 -20.03
C ILE A 348 -13.82 -6.30 -20.50
N CYS A 349 -14.77 -6.12 -19.60
CA CYS A 349 -16.19 -6.24 -19.95
C CYS A 349 -16.70 -4.98 -20.63
N ASP A 356 -24.63 -2.58 -13.26
CA ASP A 356 -24.12 -1.70 -12.21
C ASP A 356 -23.63 -2.53 -11.03
N VAL A 357 -23.45 -3.83 -11.23
CA VAL A 357 -22.92 -4.68 -10.18
C VAL A 357 -21.44 -4.41 -9.97
N ILE A 358 -20.72 -4.10 -11.06
CA ILE A 358 -19.28 -3.85 -11.00
C ILE A 358 -18.98 -2.58 -10.20
N GLY A 359 -19.76 -1.52 -10.43
CA GLY A 359 -19.58 -0.30 -9.67
C GLY A 359 -19.92 -0.44 -8.20
N ALA A 360 -20.97 -1.20 -7.89
CA ALA A 360 -21.32 -1.45 -6.49
C ALA A 360 -20.29 -2.33 -5.79
N LEU A 361 -19.65 -3.23 -6.53
CA LEU A 361 -18.55 -4.00 -5.95
C LEU A 361 -17.32 -3.12 -5.73
N LEU A 362 -17.03 -2.23 -6.69
CA LEU A 362 -15.87 -1.35 -6.60
C LEU A 362 -16.00 -0.36 -5.45
N ASN A 363 -17.23 0.08 -5.17
CA ASN A 363 -17.48 1.08 -4.15
C ASN A 363 -17.12 0.57 -2.75
N VAL A 364 -17.24 -0.74 -2.51
CA VAL A 364 -16.85 -1.33 -1.24
C VAL A 364 -15.45 -1.95 -1.30
N PHE A 365 -14.99 -2.33 -2.49
CA PHE A 365 -13.64 -2.88 -2.58
C PHE A 365 -12.57 -1.81 -2.47
N VAL A 366 -12.91 -0.55 -2.79
CA VAL A 366 -12.00 0.55 -2.52
C VAL A 366 -11.77 0.70 -1.02
N TRP A 367 -12.85 0.64 -0.23
CA TRP A 367 -12.71 0.76 1.22
C TRP A 367 -12.10 -0.49 1.84
N ILE A 368 -12.26 -1.65 1.21
CA ILE A 368 -11.48 -2.83 1.61
C ILE A 368 -10.01 -2.59 1.36
N GLY A 369 -9.67 -1.98 0.23
CA GLY A 369 -8.31 -1.58 -0.07
C GLY A 369 -7.75 -0.53 0.88
N TYR A 370 -8.62 0.36 1.38
CA TYR A 370 -8.17 1.34 2.36
C TYR A 370 -7.95 0.70 3.73
N LEU A 371 -8.58 -0.45 3.97
CA LEU A 371 -8.41 -1.13 5.25
C LEU A 371 -7.03 -1.74 5.40
N SER A 372 -6.32 -1.96 4.28
CA SER A 372 -4.96 -2.49 4.34
C SER A 372 -4.01 -1.49 4.99
N SER A 373 -4.24 -0.20 4.76
CA SER A 373 -3.37 0.84 5.29
C SER A 373 -3.52 1.05 6.80
N ALA A 374 -4.56 0.50 7.42
CA ALA A 374 -4.66 0.53 8.86
C ALA A 374 -4.10 -0.75 9.48
N VAL A 375 -4.06 -1.83 8.72
CA VAL A 375 -3.60 -3.11 9.25
C VAL A 375 -2.09 -3.26 9.05
N ASN A 376 -1.53 -2.68 7.99
CA ASN A 376 -0.09 -2.74 7.70
C ASN A 376 0.82 -2.22 8.82
N PRO A 377 0.49 -1.16 9.59
CA PRO A 377 1.26 -0.93 10.82
C PRO A 377 1.15 -2.04 11.86
N LEU A 378 0.01 -2.71 11.95
CA LEU A 378 -0.17 -3.70 13.01
C LEU A 378 0.58 -4.99 12.69
N VAL A 379 0.37 -5.54 11.49
CA VAL A 379 0.93 -6.84 11.17
C VAL A 379 2.43 -6.78 10.89
N TYR A 380 3.00 -5.58 10.73
CA TYR A 380 4.43 -5.45 10.51
C TYR A 380 5.20 -5.04 11.75
N THR A 381 4.53 -4.70 12.84
CA THR A 381 5.21 -4.26 14.05
C THR A 381 4.88 -5.09 15.28
N LEU A 382 3.66 -5.61 15.40
CA LEU A 382 3.24 -6.28 16.63
C LEU A 382 3.86 -7.66 16.80
N PHE A 383 4.55 -8.18 15.79
CA PHE A 383 5.33 -9.41 15.99
C PHE A 383 6.58 -9.17 16.81
N ASN A 384 7.00 -7.92 16.95
CA ASN A 384 8.16 -7.54 17.76
C ASN A 384 7.65 -6.90 19.04
N LYS A 385 8.12 -7.39 20.19
CA LYS A 385 7.59 -6.97 21.47
C LYS A 385 8.03 -5.55 21.87
N THR A 386 9.04 -5.00 21.19
CA THR A 386 9.47 -3.65 21.48
C THR A 386 8.43 -2.61 21.06
N TYR A 387 7.70 -2.90 19.98
CA TYR A 387 6.61 -2.02 19.57
C TYR A 387 5.43 -2.11 20.52
N ARG A 388 5.16 -3.30 21.06
CA ARG A 388 4.07 -3.46 22.02
C ARG A 388 4.42 -2.83 23.37
N SER A 389 5.70 -2.83 23.73
CA SER A 389 6.11 -2.19 24.98
C SER A 389 6.12 -0.67 24.87
N ALA A 390 6.13 -0.14 23.64
CA ALA A 390 6.11 1.30 23.43
C ALA A 390 4.68 1.83 23.52
#